data_6OKE
#
_entry.id   6OKE
#
_cell.length_a   37.656
_cell.length_b   37.656
_cell.length_c   190.198
_cell.angle_alpha   90.000
_cell.angle_beta   90.000
_cell.angle_gamma   120.000
#
_symmetry.space_group_name_H-M   'P 65'
#
loop_
_entity.id
_entity.type
_entity.pdbx_description
1 polymer 'Transferrin-Receptor Binding Peptide'
2 water water
#
_entity_poly.entity_id   1
_entity_poly.type   'polypeptide(L)'
_entity_poly.pdbx_seq_one_letter_code
;GSREGCASRCMKYNDELEKCEARMMSMSNTEEDCEQELEDLLYCLDHCHSQ
;
_entity_poly.pdbx_strand_id   C,A,B,D
#
# COMPACT_ATOMS: atom_id res chain seq x y z
N GLY A 5 14.79 -3.92 -1.37
CA GLY A 5 15.59 -5.15 -1.56
C GLY A 5 15.08 -6.00 -2.71
N CYS A 6 13.77 -6.30 -2.71
CA CYS A 6 13.08 -7.21 -3.66
C CYS A 6 12.71 -6.49 -4.97
N ALA A 7 13.06 -5.21 -5.12
CA ALA A 7 12.61 -4.33 -6.22
C ALA A 7 13.05 -4.89 -7.57
N SER A 8 14.30 -5.39 -7.64
CA SER A 8 14.89 -5.99 -8.87
C SER A 8 14.01 -7.14 -9.36
N ARG A 9 13.48 -7.96 -8.44
CA ARG A 9 12.62 -9.14 -8.76
C ARG A 9 11.28 -8.71 -9.35
N CYS A 10 10.96 -7.40 -9.29
CA CYS A 10 9.70 -6.82 -9.84
C CYS A 10 9.97 -6.02 -11.11
N MET A 11 11.20 -6.01 -11.61
CA MET A 11 11.62 -5.21 -12.78
C MET A 11 10.94 -5.80 -14.03
N LYS A 12 10.75 -7.11 -14.08
CA LYS A 12 10.08 -7.80 -15.21
C LYS A 12 8.67 -7.23 -15.39
N TYR A 13 8.04 -6.79 -14.30
CA TYR A 13 6.67 -6.20 -14.30
C TYR A 13 6.73 -4.77 -14.83
N ASN A 14 7.85 -4.07 -14.58
CA ASN A 14 8.13 -2.75 -15.21
C ASN A 14 8.35 -2.94 -16.71
N ASP A 15 9.17 -3.91 -17.10
CA ASP A 15 9.41 -4.26 -18.54
C ASP A 15 8.05 -4.38 -19.25
N GLU A 16 7.13 -5.18 -18.71
CA GLU A 16 5.79 -5.41 -19.30
C GLU A 16 5.02 -4.09 -19.41
N LEU A 17 5.12 -3.23 -18.40
CA LEU A 17 4.48 -1.88 -18.37
C LEU A 17 5.14 -0.98 -19.43
N GLU A 18 6.46 -1.01 -19.55
CA GLU A 18 7.21 -0.26 -20.59
C GLU A 18 6.69 -0.67 -21.97
N LYS A 19 6.62 -1.98 -22.24
CA LYS A 19 6.18 -2.54 -23.55
C LYS A 19 4.72 -2.11 -23.83
N CYS A 20 3.87 -2.15 -22.81
CA CYS A 20 2.43 -1.79 -22.92
C CYS A 20 2.28 -0.29 -23.25
N GLU A 21 3.05 0.58 -22.58
CA GLU A 21 3.04 2.06 -22.81
C GLU A 21 3.44 2.37 -24.26
N ALA A 22 4.46 1.68 -24.77
CA ALA A 22 4.92 1.77 -26.18
C ALA A 22 3.75 1.42 -27.10
N ARG A 23 3.08 0.29 -26.83
CA ARG A 23 1.88 -0.18 -27.57
C ARG A 23 0.76 0.87 -27.49
N MET A 24 0.57 1.49 -26.33
CA MET A 24 -0.48 2.49 -26.02
C MET A 24 -0.23 3.80 -26.81
N MET A 25 1.02 4.21 -26.94
CA MET A 25 1.44 5.43 -27.68
C MET A 25 1.37 5.15 -29.20
N SER A 26 1.44 3.88 -29.59
CA SER A 26 1.31 3.40 -30.99
C SER A 26 -0.18 3.22 -31.34
N ASP A 33 -4.81 1.29 -21.79
CA ASP A 33 -4.78 1.81 -20.40
C ASP A 33 -3.49 1.36 -19.68
N CYS A 34 -3.09 0.10 -19.84
CA CYS A 34 -1.93 -0.55 -19.19
C CYS A 34 -2.15 -0.68 -17.67
N GLU A 35 -3.40 -0.54 -17.22
CA GLU A 35 -3.77 -0.52 -15.78
C GLU A 35 -3.44 -1.88 -15.15
N GLN A 36 -3.67 -2.96 -15.90
CA GLN A 36 -3.43 -4.36 -15.48
C GLN A 36 -1.92 -4.56 -15.27
N GLU A 37 -1.09 -3.96 -16.14
CA GLU A 37 0.40 -4.10 -16.08
C GLU A 37 0.94 -3.33 -14.87
N LEU A 38 0.36 -2.17 -14.56
CA LEU A 38 0.71 -1.39 -13.36
C LEU A 38 0.24 -2.14 -12.10
N GLU A 39 -1.01 -2.60 -12.11
CA GLU A 39 -1.59 -3.38 -10.97
C GLU A 39 -0.64 -4.52 -10.61
N ASP A 40 -0.13 -5.27 -11.58
CA ASP A 40 0.79 -6.41 -11.37
C ASP A 40 2.16 -5.92 -10.86
N LEU A 41 2.55 -4.70 -11.20
CA LEU A 41 3.81 -4.07 -10.70
C LEU A 41 3.63 -3.68 -9.22
N LEU A 42 2.52 -3.02 -8.90
CA LEU A 42 2.24 -2.57 -7.51
C LEU A 42 2.04 -3.79 -6.61
N TYR A 43 1.25 -4.78 -7.04
CA TYR A 43 1.06 -6.09 -6.38
C TYR A 43 2.43 -6.67 -6.04
N CYS A 44 3.31 -6.81 -7.04
CA CYS A 44 4.68 -7.36 -6.87
C CYS A 44 5.43 -6.56 -5.79
N LEU A 45 5.48 -5.22 -5.93
CA LEU A 45 6.23 -4.33 -5.01
C LEU A 45 5.66 -4.47 -3.60
N ASP A 46 4.34 -4.65 -3.50
CA ASP A 46 3.59 -4.68 -2.22
C ASP A 46 4.03 -5.93 -1.43
N HIS A 47 4.08 -7.08 -2.10
CA HIS A 47 4.48 -8.37 -1.50
C HIS A 47 6.01 -8.31 -1.39
N CYS A 48 6.59 -8.74 -0.27
CA CYS A 48 8.04 -8.64 0.05
C CYS A 48 8.23 -8.41 1.56
N ARG B 9 -12.27 3.55 -4.31
CA ARG B 9 -12.68 3.37 -2.88
C ARG B 9 -12.48 1.90 -2.49
N CYS B 10 -11.72 1.65 -1.43
CA CYS B 10 -11.46 0.29 -0.86
C CYS B 10 -12.09 0.12 0.51
N MET B 11 -13.18 0.84 0.78
CA MET B 11 -13.72 1.06 2.15
C MET B 11 -14.19 -0.28 2.73
N LYS B 12 -14.82 -1.12 1.89
CA LYS B 12 -15.36 -2.45 2.28
C LYS B 12 -14.25 -3.29 2.89
N TYR B 13 -13.01 -3.13 2.41
CA TYR B 13 -11.83 -3.91 2.84
C TYR B 13 -11.36 -3.38 4.20
N ASN B 14 -11.51 -2.07 4.42
CA ASN B 14 -11.21 -1.41 5.71
C ASN B 14 -12.25 -1.90 6.73
N ASP B 15 -13.54 -1.86 6.35
CA ASP B 15 -14.68 -2.34 7.19
C ASP B 15 -14.32 -3.71 7.74
N GLU B 16 -13.96 -4.65 6.86
CA GLU B 16 -13.65 -6.06 7.23
C GLU B 16 -12.49 -6.09 8.23
N LEU B 17 -11.47 -5.25 8.02
CA LEU B 17 -10.29 -5.16 8.92
C LEU B 17 -10.71 -4.60 10.28
N GLU B 18 -11.53 -3.54 10.26
CA GLU B 18 -12.07 -2.91 11.49
C GLU B 18 -12.81 -3.97 12.30
N LYS B 19 -13.73 -4.71 11.64
CA LYS B 19 -14.62 -5.73 12.29
C LYS B 19 -13.76 -6.84 12.86
N CYS B 20 -12.72 -7.28 12.15
CA CYS B 20 -11.81 -8.37 12.59
C CYS B 20 -11.06 -7.94 13.86
N GLU B 21 -10.52 -6.72 13.87
CA GLU B 21 -9.76 -6.17 15.03
C GLU B 21 -10.65 -6.08 16.26
N ALA B 22 -11.91 -5.64 16.09
CA ALA B 22 -12.93 -5.59 17.16
C ALA B 22 -13.14 -6.99 17.73
N ARG B 23 -13.30 -7.99 16.86
CA ARG B 23 -13.51 -9.41 17.26
C ARG B 23 -12.21 -9.92 17.90
N GLU B 32 -3.47 -13.39 13.31
CA GLU B 32 -3.29 -13.91 11.92
C GLU B 32 -4.58 -13.61 11.14
N ASP B 33 -5.74 -13.89 11.73
CA ASP B 33 -7.08 -13.67 11.12
C ASP B 33 -7.14 -12.28 10.46
N CYS B 34 -6.55 -11.26 11.10
CA CYS B 34 -6.72 -9.84 10.66
C CYS B 34 -5.55 -9.41 9.76
N GLU B 35 -4.42 -10.13 9.71
CA GLU B 35 -3.36 -9.79 8.71
C GLU B 35 -3.83 -10.17 7.30
N GLN B 36 -4.71 -11.17 7.17
CA GLN B 36 -5.37 -11.56 5.89
C GLN B 36 -6.26 -10.40 5.40
N GLU B 37 -6.94 -9.72 6.32
CA GLU B 37 -7.88 -8.61 6.03
C GLU B 37 -7.08 -7.36 5.63
N LEU B 38 -5.91 -7.15 6.23
CA LEU B 38 -4.97 -6.07 5.83
C LEU B 38 -4.38 -6.40 4.45
N GLU B 39 -3.90 -7.63 4.24
CA GLU B 39 -3.35 -8.08 2.94
C GLU B 39 -4.35 -7.72 1.83
N ASP B 40 -5.64 -8.02 2.02
CA ASP B 40 -6.73 -7.74 1.04
C ASP B 40 -6.96 -6.22 0.92
N LEU B 41 -6.65 -5.43 1.94
CA LEU B 41 -6.74 -3.94 1.92
C LEU B 41 -5.56 -3.39 1.12
N LEU B 42 -4.35 -3.88 1.33
CA LEU B 42 -3.14 -3.42 0.59
C LEU B 42 -3.28 -3.81 -0.90
N TYR B 43 -3.67 -5.05 -1.18
CA TYR B 43 -4.04 -5.54 -2.54
C TYR B 43 -5.01 -4.54 -3.19
N CYS B 44 -6.13 -4.24 -2.52
CA CYS B 44 -7.16 -3.28 -2.99
C CYS B 44 -6.51 -1.92 -3.28
N LEU B 45 -5.73 -1.36 -2.36
CA LEU B 45 -5.06 -0.04 -2.47
C LEU B 45 -4.13 -0.06 -3.69
N ASP B 46 -3.49 -1.20 -3.98
CA ASP B 46 -2.59 -1.37 -5.15
C ASP B 46 -3.39 -1.22 -6.45
N HIS B 47 -4.55 -1.89 -6.52
CA HIS B 47 -5.62 -1.73 -7.54
C HIS B 47 -6.13 -0.29 -7.69
N CYS B 48 -6.61 0.32 -6.59
CA CYS B 48 -7.27 1.66 -6.57
C CYS B 48 -6.23 2.74 -6.88
N GLY C 5 3.10 -12.07 14.89
CA GLY C 5 3.81 -11.47 16.05
C GLY C 5 3.80 -9.95 16.00
N CYS C 6 4.18 -9.38 14.85
CA CYS C 6 4.18 -7.91 14.57
C CYS C 6 2.76 -7.35 14.77
N ALA C 7 1.77 -8.08 14.28
CA ALA C 7 0.33 -7.71 14.27
C ALA C 7 -0.14 -7.47 15.70
N SER C 8 0.24 -8.34 16.64
CA SER C 8 -0.16 -8.25 18.08
C SER C 8 0.28 -6.91 18.65
N ARG C 9 1.48 -6.43 18.27
CA ARG C 9 2.07 -5.15 18.75
C ARG C 9 1.31 -3.94 18.17
N CYS C 10 0.36 -4.18 17.27
CA CYS C 10 -0.51 -3.15 16.62
C CYS C 10 -1.93 -3.18 17.23
N MET C 11 -2.18 -4.08 18.18
CA MET C 11 -3.50 -4.17 18.86
C MET C 11 -3.72 -2.93 19.71
N LYS C 12 -2.64 -2.41 20.31
CA LYS C 12 -2.65 -1.17 21.14
C LYS C 12 -3.24 -0.01 20.32
N TYR C 13 -3.02 -0.02 19.00
CA TYR C 13 -3.49 1.04 18.07
C TYR C 13 -4.99 0.86 17.82
N ASN C 14 -5.47 -0.39 17.84
CA ASN C 14 -6.93 -0.67 17.77
C ASN C 14 -7.58 -0.22 19.09
N ASP C 15 -6.98 -0.57 20.23
CA ASP C 15 -7.46 -0.14 21.57
C ASP C 15 -7.72 1.38 21.53
N GLU C 16 -6.75 2.17 21.10
CA GLU C 16 -6.84 3.65 21.05
C GLU C 16 -8.00 4.07 20.14
N LEU C 17 -8.19 3.38 19.01
CA LEU C 17 -9.29 3.65 18.04
C LEU C 17 -10.63 3.28 18.68
N GLU C 18 -10.70 2.16 19.38
CA GLU C 18 -11.92 1.72 20.12
C GLU C 18 -12.31 2.82 21.11
N LYS C 19 -11.35 3.29 21.92
CA LYS C 19 -11.58 4.32 22.97
C LYS C 19 -12.04 5.62 22.31
N CYS C 20 -11.44 6.00 21.19
CA CYS C 20 -11.76 7.26 20.45
C CYS C 20 -13.19 7.18 19.91
N GLU C 21 -13.59 6.04 19.32
CA GLU C 21 -14.97 5.81 18.78
C GLU C 21 -16.00 5.97 19.89
N ALA C 22 -15.74 5.42 21.08
CA ALA C 22 -16.59 5.57 22.28
C ALA C 22 -16.72 7.05 22.62
N ARG C 23 -15.61 7.79 22.64
CA ARG C 23 -15.54 9.26 22.87
C ARG C 23 -16.35 10.00 21.79
N MET C 24 -16.25 9.55 20.54
CA MET C 24 -16.91 10.14 19.35
C MET C 24 -18.43 9.93 19.39
N MET C 25 -18.89 8.77 19.89
CA MET C 25 -20.34 8.44 20.09
C MET C 25 -20.89 9.22 21.29
N SER C 26 -20.00 9.59 22.22
CA SER C 26 -20.29 10.50 23.36
C SER C 26 -20.06 11.95 22.90
N ASP C 33 -13.20 13.52 15.48
CA ASP C 33 -12.82 12.51 14.45
C ASP C 33 -11.75 11.57 15.05
N CYS C 34 -11.71 10.32 14.59
CA CYS C 34 -10.74 9.29 15.04
C CYS C 34 -9.78 8.92 13.91
N GLU C 35 -9.62 9.79 12.92
CA GLU C 35 -8.86 9.52 11.68
C GLU C 35 -7.38 9.31 12.00
N GLN C 36 -6.87 10.06 12.96
CA GLN C 36 -5.46 10.01 13.44
C GLN C 36 -5.19 8.65 14.06
N GLU C 37 -6.16 8.12 14.82
CA GLU C 37 -6.04 6.82 15.54
C GLU C 37 -6.08 5.67 14.53
N LEU C 38 -6.91 5.79 13.49
CA LEU C 38 -6.96 4.80 12.37
C LEU C 38 -5.65 4.89 11.56
N GLU C 39 -5.23 6.09 11.20
CA GLU C 39 -3.97 6.32 10.43
C GLU C 39 -2.83 5.57 11.13
N ASP C 40 -2.69 5.70 12.46
CA ASP C 40 -1.62 5.04 13.25
C ASP C 40 -1.81 3.52 13.27
N LEU C 41 -3.05 3.03 13.14
CA LEU C 41 -3.38 1.58 13.06
C LEU C 41 -2.95 1.05 11.69
N LEU C 42 -3.32 1.74 10.62
CA LEU C 42 -3.03 1.30 9.23
C LEU C 42 -1.50 1.37 9.00
N TYR C 43 -0.85 2.46 9.41
CA TYR C 43 0.62 2.62 9.43
C TYR C 43 1.25 1.40 10.08
N CYS C 44 0.84 1.08 11.32
CA CYS C 44 1.35 -0.09 12.09
C CYS C 44 1.17 -1.38 11.28
N LEU C 45 -0.05 -1.64 10.79
CA LEU C 45 -0.36 -2.87 10.00
C LEU C 45 0.48 -2.92 8.74
N ASP C 46 0.76 -1.77 8.13
CA ASP C 46 1.51 -1.65 6.85
C ASP C 46 2.95 -2.14 7.06
N HIS C 47 3.59 -1.67 8.15
CA HIS C 47 5.01 -1.96 8.46
C HIS C 47 5.18 -3.44 8.81
N CYS C 48 4.13 -4.12 9.29
CA CYS C 48 4.04 -5.61 9.28
C CYS C 48 3.92 -6.10 7.83
N ARG D 3 20.30 -1.02 -13.21
CA ARG D 3 20.29 -2.51 -13.09
C ARG D 3 19.46 -2.92 -11.87
N GLU D 4 19.66 -4.17 -11.40
CA GLU D 4 19.07 -4.72 -10.15
C GLU D 4 19.53 -3.89 -8.95
N GLY D 5 20.74 -3.31 -9.02
CA GLY D 5 21.28 -2.37 -8.02
C GLY D 5 20.46 -1.09 -7.95
N CYS D 6 20.24 -0.45 -9.10
CA CYS D 6 19.42 0.78 -9.27
C CYS D 6 18.00 0.54 -8.73
N ALA D 7 17.43 -0.63 -9.04
CA ALA D 7 16.04 -1.01 -8.71
C ALA D 7 15.84 -0.99 -7.20
N SER D 8 16.81 -1.49 -6.43
CA SER D 8 16.76 -1.56 -4.94
C SER D 8 16.57 -0.15 -4.37
N ARG D 9 17.25 0.85 -4.96
CA ARG D 9 17.21 2.27 -4.53
C ARG D 9 15.84 2.90 -4.82
N CYS D 10 14.96 2.17 -5.53
CA CYS D 10 13.57 2.60 -5.88
C CYS D 10 12.55 1.92 -4.97
N MET D 11 12.98 1.03 -4.07
CA MET D 11 12.08 0.42 -3.05
C MET D 11 11.61 1.51 -2.06
N LYS D 12 12.51 2.46 -1.76
CA LYS D 12 12.23 3.63 -0.89
C LYS D 12 11.01 4.40 -1.41
N TYR D 13 10.81 4.41 -2.73
CA TYR D 13 9.68 5.11 -3.39
C TYR D 13 8.40 4.31 -3.21
N ASN D 14 8.50 2.98 -3.13
CA ASN D 14 7.34 2.11 -2.76
C ASN D 14 6.99 2.35 -1.29
N ASP D 15 8.00 2.36 -0.41
CA ASP D 15 7.81 2.66 1.04
C ASP D 15 6.94 3.93 1.20
N GLU D 16 7.34 5.01 0.53
CA GLU D 16 6.63 6.32 0.60
C GLU D 16 5.19 6.16 0.10
N LEU D 17 4.97 5.38 -0.96
CA LEU D 17 3.64 5.09 -1.56
C LEU D 17 2.81 4.27 -0.57
N GLU D 18 3.42 3.26 0.07
CA GLU D 18 2.76 2.44 1.12
C GLU D 18 2.23 3.37 2.22
N LYS D 19 3.10 4.25 2.74
CA LYS D 19 2.76 5.18 3.85
C LYS D 19 1.64 6.12 3.40
N CYS D 20 1.70 6.61 2.17
CA CYS D 20 0.71 7.56 1.59
C CYS D 20 -0.66 6.89 1.48
N GLU D 21 -0.72 5.64 1.00
CA GLU D 21 -1.98 4.86 0.85
C GLU D 21 -2.65 4.67 2.21
N ALA D 22 -1.86 4.38 3.25
CA ALA D 22 -2.31 4.27 4.66
C ALA D 22 -2.96 5.60 5.06
N ARG D 23 -2.27 6.70 4.81
CA ARG D 23 -2.75 8.09 5.08
CA ARG D 23 -2.75 8.10 5.07
C ARG D 23 -4.05 8.36 4.31
N MET D 24 -4.13 7.90 3.06
CA MET D 24 -5.27 8.09 2.12
C MET D 24 -6.51 7.34 2.60
N MET D 25 -6.33 6.13 3.15
CA MET D 25 -7.43 5.29 3.71
C MET D 25 -7.87 5.85 5.06
N SER D 26 -7.00 6.60 5.74
CA SER D 26 -7.25 7.26 7.04
C SER D 26 -7.90 8.63 6.82
N MET D 27 -7.22 9.49 6.07
CA MET D 27 -7.65 10.90 5.80
C MET D 27 -8.33 10.97 4.42
N ASP D 33 -4.55 12.40 -2.46
CA ASP D 33 -4.01 11.62 -3.61
C ASP D 33 -2.57 11.21 -3.32
N CYS D 34 -2.18 10.03 -3.81
CA CYS D 34 -0.80 9.48 -3.72
C CYS D 34 -0.13 9.45 -5.10
N GLU D 35 -0.65 10.21 -6.04
CA GLU D 35 -0.24 10.18 -7.48
C GLU D 35 1.20 10.64 -7.61
N GLN D 36 1.62 11.61 -6.78
CA GLN D 36 2.99 12.17 -6.74
C GLN D 36 3.98 11.07 -6.31
N GLU D 37 3.60 10.24 -5.35
CA GLU D 37 4.45 9.15 -4.77
C GLU D 37 4.58 8.04 -5.81
N LEU D 38 3.50 7.74 -6.54
CA LEU D 38 3.52 6.75 -7.65
C LEU D 38 4.36 7.29 -8.80
N GLU D 39 4.14 8.54 -9.20
CA GLU D 39 4.89 9.21 -10.29
C GLU D 39 6.39 9.06 -10.02
N ASP D 40 6.83 9.33 -8.79
CA ASP D 40 8.27 9.24 -8.39
C ASP D 40 8.74 7.79 -8.39
N LEU D 41 7.84 6.83 -8.18
CA LEU D 41 8.17 5.37 -8.23
C LEU D 41 8.36 4.97 -9.69
N LEU D 42 7.44 5.37 -10.57
CA LEU D 42 7.51 5.00 -12.01
C LEU D 42 8.72 5.67 -12.64
N TYR D 43 8.92 6.97 -12.38
CA TYR D 43 10.13 7.75 -12.78
C TYR D 43 11.38 6.95 -12.40
N CYS D 44 11.50 6.57 -11.12
CA CYS D 44 12.66 5.80 -10.60
C CYS D 44 12.84 4.49 -11.38
N LEU D 45 11.76 3.71 -11.50
CA LEU D 45 11.80 2.39 -12.22
C LEU D 45 12.19 2.60 -13.68
N ASP D 46 11.76 3.71 -14.27
CA ASP D 46 11.95 4.03 -15.71
C ASP D 46 13.44 4.24 -15.97
N HIS D 47 14.11 5.00 -15.11
CA HIS D 47 15.56 5.33 -15.20
C HIS D 47 16.41 4.07 -15.04
N CYS D 48 16.02 3.13 -14.17
CA CYS D 48 16.71 1.82 -13.99
C CYS D 48 16.64 1.04 -15.31
N HIS D 49 15.47 1.05 -15.96
CA HIS D 49 15.18 0.33 -17.23
C HIS D 49 16.15 0.79 -18.33
N SER D 50 16.40 2.11 -18.44
CA SER D 50 17.22 2.75 -19.50
C SER D 50 18.52 3.32 -18.90
#